data_7SDX
#
_entry.id   7SDX
#
_cell.length_a   106.380
_cell.length_b   106.380
_cell.length_c   91.619
_cell.angle_alpha   90.000
_cell.angle_beta   90.000
_cell.angle_gamma   120.000
#
_symmetry.space_group_name_H-M   'H 3'
#
loop_
_entity.id
_entity.type
_entity.pdbx_description
1 polymer "DNA (5'-D(*GP*AP*GP*CP*AP*GP*CP*CP*TP*GP*TP*UP*TP*GP*GP*AP*CP*AP*TP*CP*A)-3')"
2 polymer "DNA (5'-D(P*CP*CP*AP*(5CM)P*AP*CP*A)-3')"
3 polymer "DNA (5'-D(P*GP*GP*CP*TP*GP*CP*T)-3')"
4 polymer "DNA (5'-D(P*CP*TP*GP*AP*TP*GP*T)-3')"
5 non-polymer 'MERCURY (II) ION'
#
loop_
_entity_poly.entity_id
_entity_poly.type
_entity_poly.pdbx_seq_one_letter_code
_entity_poly.pdbx_strand_id
1 'polydeoxyribonucleotide'
;(DG)(DA)(DG)(DC)(DA)(DG)(DC)(DC)(DT)(DG)(DT)(DU)(DT)(DG)(DG)(DA)(DC)(DA)(DT)(DC)
(DA)
;
A
2 'polydeoxyribonucleotide' (DC)(DC)(DA)(5CM)(DA)(DC)(DA) B
3 'polydeoxyribonucleotide' (DG)(DG)(DC)(DT)(DG)(DC)(DT) C
4 'polydeoxyribonucleotide' (DC)(DT)(DG)(DA)(DT)(DG)(DT) D
#